data_8URF
#
_entry.id   8URF
#
_cell.length_a   102.410
_cell.length_b   102.410
_cell.length_c   358.985
_cell.angle_alpha   90.00
_cell.angle_beta   90.00
_cell.angle_gamma   120.00
#
_symmetry.space_group_name_H-M   'H 3 2'
#
loop_
_entity.id
_entity.type
_entity.pdbx_description
1 polymer '8G8 Fab Light Chain'
2 polymer '8G8 Fab Heavy Chain'
3 polymer 'Asialoglycoprotein receptor 2'
4 non-polymer GLYCEROL
5 non-polymer 'CALCIUM ION'
6 non-polymer 'CHLORIDE ION'
7 water water
#
loop_
_entity_poly.entity_id
_entity_poly.type
_entity_poly.pdbx_seq_one_letter_code
_entity_poly.pdbx_strand_id
1 'polypeptide(L)'
;DIQMTQSPASLSASVGETVTITCRASENIYSYLAWYQQKQGKSPQLLVYNAKTLAEGVPSRFSGSGSGTQFSLKINSLQP
EDFGNYHCQHHYDTPYTFGGGTKLEIKRTVAAPSVFIFPPSDEQLKSGTASVVCLLNNFYPREAKVQWKVDNALQSGNSQ
ESVTEQDSKDSTYSLSSTLTLSKADYEKHKVYACEVTHQGLSSPVTKSFNRGEC
;
L
2 'polypeptide(L)'
;(PCA)VQLQQSGPELVRPGTSVKISCKASGYTFLTYWMNWVKQRPGQGLEWIGQIFPATGSTHYNEMFKDKATLNEDTSS
NTAYMQLSGLTSEDTAVYFCARSRYRNGLDYWGQGTTLTVSSASTKGPSVFPLAPSSKSTSGGTAALGCLVKDYFPEPVT
VSWNSGALTSGVHTFPAVLQSSGLYSLSSVVTVPSSSLGTQTYICNVNHKPSNTKVDKKVEPKSCGSGSGHHHHHH
;
H
3 'polypeptide(L)'
;CPVNWVEHQGSCYWFSHSGKAWAEAEKYCQLENAHLVVINSWEEQKFIVQHTNPFNTWIGLTDSDGSWKWVDGTDYRHNY
KNWAVTQPDNWHGHELGGSEDCVEVQPDGRWNDDFCLQVYRWVCEKRRNATGEVASGRGLNDIFEAQKIEWHEHHHHHH
;
A
#
# COMPACT_ATOMS: atom_id res chain seq x y z
N ASP A 1 -18.00 -7.53 6.38
CA ASP A 1 -16.70 -7.00 5.97
C ASP A 1 -15.70 -8.09 5.62
N ILE A 2 -15.13 -8.07 4.41
CA ILE A 2 -14.51 -9.27 3.87
C ILE A 2 -13.05 -9.35 4.24
N GLN A 3 -12.64 -10.50 4.77
CA GLN A 3 -11.24 -10.80 5.02
C GLN A 3 -10.68 -11.57 3.85
N MET A 4 -9.53 -11.11 3.34
CA MET A 4 -8.80 -11.80 2.29
C MET A 4 -7.57 -12.43 2.93
N THR A 5 -7.33 -13.72 2.66
CA THR A 5 -6.20 -14.47 3.17
C THR A 5 -5.41 -15.01 2.01
N GLN A 6 -4.12 -14.66 1.95
CA GLN A 6 -3.23 -15.12 0.89
C GLN A 6 -2.29 -16.16 1.42
N SER A 7 -1.89 -17.08 0.54
CA SER A 7 -0.84 -17.99 0.95
C SER A 7 -0.07 -18.45 -0.29
N PRO A 8 1.20 -18.83 -0.12
CA PRO A 8 1.94 -18.78 1.14
C PRO A 8 2.37 -17.35 1.40
N ALA A 9 2.88 -17.06 2.60
CA ALA A 9 3.43 -15.72 2.85
C ALA A 9 4.65 -15.46 2.00
N SER A 10 5.43 -16.50 1.74
CA SER A 10 6.65 -16.35 0.96
C SER A 10 6.85 -17.60 0.13
N LEU A 11 7.37 -17.43 -1.08
CA LEU A 11 7.55 -18.52 -2.03
C LEU A 11 8.89 -18.27 -2.70
N SER A 12 9.78 -19.25 -2.66
CA SER A 12 11.06 -19.15 -3.32
C SER A 12 10.98 -19.91 -4.63
N ALA A 13 11.42 -19.28 -5.72
CA ALA A 13 11.38 -19.98 -7.00
C ALA A 13 12.49 -19.44 -7.87
N SER A 14 12.75 -20.13 -8.99
CA SER A 14 13.76 -19.77 -9.97
C SER A 14 13.11 -19.35 -11.30
N VAL A 15 13.84 -18.55 -12.07
CA VAL A 15 13.36 -18.22 -13.40
C VAL A 15 13.04 -19.49 -14.16
N GLY A 16 11.94 -19.47 -14.87
CA GLY A 16 11.54 -20.60 -15.68
C GLY A 16 10.63 -21.57 -14.96
N GLU A 17 10.52 -21.46 -13.65
CA GLU A 17 9.62 -22.32 -12.92
C GLU A 17 8.22 -21.75 -12.97
N THR A 18 7.27 -22.59 -12.61
CA THR A 18 5.86 -22.24 -12.54
C THR A 18 5.43 -22.25 -11.09
N VAL A 19 4.69 -21.22 -10.66
CA VAL A 19 4.29 -21.16 -9.26
C VAL A 19 2.82 -20.76 -9.23
N THR A 20 2.18 -21.09 -8.10
CA THR A 20 0.78 -20.73 -7.89
C THR A 20 0.65 -20.12 -6.52
N ILE A 21 0.03 -18.97 -6.42
CA ILE A 21 -0.27 -18.38 -5.13
C ILE A 21 -1.78 -18.29 -5.00
N THR A 22 -2.27 -18.32 -3.76
CA THR A 22 -3.70 -18.47 -3.60
C THR A 22 -4.21 -17.39 -2.68
N CYS A 23 -5.50 -17.12 -2.85
CA CYS A 23 -6.18 -16.12 -2.08
C CYS A 23 -7.54 -16.69 -1.70
N ARG A 24 -7.95 -16.48 -0.45
CA ARG A 24 -9.25 -16.94 0.04
C ARG A 24 -9.98 -15.74 0.61
N ALA A 25 -11.22 -15.55 0.17
CA ALA A 25 -12.12 -14.53 0.70
C ALA A 25 -12.97 -15.13 1.82
N SER A 26 -13.27 -14.35 2.86
CA SER A 26 -14.09 -14.91 3.93
C SER A 26 -15.56 -15.06 3.54
N GLU A 27 -15.99 -14.47 2.43
CA GLU A 27 -17.33 -14.73 1.94
C GLU A 27 -17.31 -14.66 0.43
N ASN A 28 -18.39 -15.13 -0.19
CA ASN A 28 -18.53 -15.13 -1.64
C ASN A 28 -18.30 -13.73 -2.21
N ILE A 29 -17.32 -13.63 -3.11
CA ILE A 29 -17.07 -12.43 -3.88
C ILE A 29 -17.17 -12.70 -5.37
N TYR A 30 -17.77 -13.84 -5.75
CA TYR A 30 -18.06 -14.16 -7.17
C TYR A 30 -16.72 -14.11 -7.90
N SER A 31 -16.57 -13.33 -8.96
CA SER A 31 -15.28 -13.23 -9.63
C SER A 31 -14.62 -11.89 -9.41
N TYR A 32 -15.04 -11.17 -8.38
CA TYR A 32 -14.57 -9.80 -8.15
C TYR A 32 -13.27 -9.83 -7.33
N LEU A 33 -12.20 -10.21 -8.00
CA LEU A 33 -10.90 -10.39 -7.36
C LEU A 33 -9.82 -9.86 -8.30
N ALA A 34 -8.95 -9.02 -7.77
CA ALA A 34 -7.80 -8.55 -8.54
C ALA A 34 -6.52 -9.04 -7.89
N TRP A 35 -5.49 -9.13 -8.71
CA TRP A 35 -4.13 -9.46 -8.32
C TRP A 35 -3.22 -8.33 -8.74
N TYR A 36 -2.30 -7.95 -7.86
CA TYR A 36 -1.33 -6.91 -8.12
C TYR A 36 0.07 -7.47 -7.95
N GLN A 37 0.99 -6.89 -8.70
CA GLN A 37 2.41 -7.11 -8.49
C GLN A 37 3.03 -5.84 -7.93
N GLN A 38 3.93 -6.00 -6.97
CA GLN A 38 4.58 -4.83 -6.41
C GLN A 38 6.06 -5.11 -6.24
N LYS A 39 6.88 -4.34 -6.93
CA LYS A 39 8.32 -4.50 -6.74
C LYS A 39 8.77 -3.58 -5.63
N GLN A 40 9.82 -4.00 -4.93
CA GLN A 40 10.33 -3.25 -3.79
C GLN A 40 10.49 -1.76 -4.12
N GLY A 41 9.90 -0.92 -3.29
CA GLY A 41 10.03 0.51 -3.45
C GLY A 41 9.21 1.10 -4.57
N LYS A 42 8.26 0.36 -5.13
CA LYS A 42 7.51 0.85 -6.27
C LYS A 42 6.02 0.71 -5.97
N SER A 43 5.22 1.25 -6.85
CA SER A 43 3.78 1.13 -6.67
CA SER A 43 3.77 1.15 -6.71
C SER A 43 3.28 -0.20 -7.22
N PRO A 44 2.18 -0.72 -6.67
CA PRO A 44 1.58 -1.92 -7.23
C PRO A 44 1.14 -1.70 -8.66
N GLN A 45 1.05 -2.80 -9.39
CA GLN A 45 0.59 -2.79 -10.76
C GLN A 45 -0.44 -3.89 -10.87
N LEU A 46 -1.58 -3.57 -11.48
CA LEU A 46 -2.64 -4.53 -11.66
C LEU A 46 -2.18 -5.59 -12.64
N LEU A 47 -2.43 -6.84 -12.32
CA LEU A 47 -2.13 -7.94 -13.22
C LEU A 47 -3.40 -8.54 -13.78
N VAL A 48 -4.35 -8.78 -12.88
CA VAL A 48 -5.54 -9.56 -13.15
C VAL A 48 -6.69 -8.86 -12.45
N TYR A 49 -7.84 -8.74 -13.12
CA TYR A 49 -9.06 -8.28 -12.45
C TYR A 49 -10.18 -9.22 -12.87
N ASN A 50 -11.32 -9.12 -12.19
CA ASN A 50 -12.42 -10.06 -12.43
C ASN A 50 -11.92 -11.50 -12.38
N ALA A 51 -10.90 -11.71 -11.54
CA ALA A 51 -10.38 -13.03 -11.18
C ALA A 51 -9.52 -13.66 -12.27
N LYS A 52 -9.82 -13.43 -13.54
CA LYS A 52 -9.08 -14.09 -14.60
C LYS A 52 -8.76 -13.20 -15.77
N THR A 53 -9.14 -11.93 -15.75
CA THR A 53 -8.92 -11.08 -16.91
C THR A 53 -7.58 -10.38 -16.75
N LEU A 54 -6.70 -10.56 -17.73
CA LEU A 54 -5.40 -9.90 -17.69
C LEU A 54 -5.56 -8.42 -17.99
N ALA A 55 -4.87 -7.60 -17.22
CA ALA A 55 -4.89 -6.18 -17.47
C ALA A 55 -4.02 -5.85 -18.69
N GLU A 56 -4.17 -4.63 -19.20
CA GLU A 56 -3.51 -4.25 -20.44
C GLU A 56 -2.01 -4.44 -20.31
N GLY A 57 -1.42 -5.10 -21.30
CA GLY A 57 0.02 -5.24 -21.32
C GLY A 57 0.59 -6.28 -20.37
N VAL A 58 -0.23 -6.95 -19.59
CA VAL A 58 0.32 -7.98 -18.69
C VAL A 58 0.66 -9.22 -19.49
N PRO A 59 1.87 -9.78 -19.35
CA PRO A 59 2.24 -10.99 -20.09
C PRO A 59 1.29 -12.17 -19.89
N SER A 60 1.15 -12.96 -20.94
CA SER A 60 0.24 -14.10 -20.90
C SER A 60 0.68 -15.20 -19.93
N ARG A 61 1.94 -15.18 -19.47
CA ARG A 61 2.34 -16.20 -18.50
C ARG A 61 1.60 -16.09 -17.18
N PHE A 62 0.97 -14.95 -16.89
CA PHE A 62 0.16 -14.79 -15.69
C PHE A 62 -1.24 -15.32 -15.96
N SER A 63 -1.78 -16.07 -15.01
CA SER A 63 -3.07 -16.69 -15.17
C SER A 63 -3.80 -16.64 -13.84
N GLY A 64 -4.98 -16.02 -13.80
CA GLY A 64 -5.79 -15.95 -12.59
C GLY A 64 -6.93 -16.95 -12.74
N SER A 65 -7.36 -17.55 -11.65
CA SER A 65 -8.52 -18.46 -11.71
C SER A 65 -9.22 -18.50 -10.36
N GLY A 66 -10.40 -19.10 -10.36
CA GLY A 66 -11.24 -19.20 -9.18
C GLY A 66 -12.45 -18.30 -9.27
N SER A 67 -13.44 -18.62 -8.44
CA SER A 67 -14.56 -17.74 -8.16
C SER A 67 -15.15 -18.18 -6.84
N GLY A 68 -15.97 -17.31 -6.24
CA GLY A 68 -16.57 -17.64 -4.97
C GLY A 68 -15.65 -17.20 -3.86
N THR A 69 -14.94 -18.14 -3.23
CA THR A 69 -14.07 -17.79 -2.12
C THR A 69 -12.61 -18.17 -2.30
N GLN A 70 -12.27 -18.99 -3.32
CA GLN A 70 -10.93 -19.55 -3.49
C GLN A 70 -10.40 -19.13 -4.85
N PHE A 71 -9.24 -18.49 -4.85
CA PHE A 71 -8.67 -17.94 -6.08
C PHE A 71 -7.19 -18.28 -6.11
N SER A 72 -6.62 -18.26 -7.32
CA SER A 72 -5.22 -18.60 -7.54
C SER A 72 -4.68 -17.70 -8.62
N LEU A 73 -3.44 -17.31 -8.46
CA LEU A 73 -2.67 -16.65 -9.51
C LEU A 73 -1.53 -17.60 -9.87
N LYS A 74 -1.43 -17.98 -11.13
CA LYS A 74 -0.36 -18.88 -11.55
C LYS A 74 0.57 -18.12 -12.48
N ILE A 75 1.88 -18.27 -12.28
CA ILE A 75 2.84 -17.66 -13.17
C ILE A 75 3.57 -18.79 -13.85
N ASN A 76 3.36 -18.91 -15.16
CA ASN A 76 4.03 -19.93 -15.95
C ASN A 76 5.38 -19.41 -16.38
N SER A 77 6.41 -20.22 -16.14
CA SER A 77 7.80 -19.96 -16.50
C SER A 77 8.16 -18.52 -16.11
N LEU A 78 8.43 -18.35 -14.82
CA LEU A 78 8.75 -17.04 -14.25
C LEU A 78 9.94 -16.42 -14.95
N GLN A 79 9.87 -15.11 -15.12
CA GLN A 79 10.95 -14.30 -15.65
C GLN A 79 11.58 -13.48 -14.52
N PRO A 80 12.79 -12.95 -14.72
CA PRO A 80 13.44 -12.21 -13.62
C PRO A 80 12.66 -10.98 -13.17
N GLU A 81 11.86 -10.39 -14.05
CA GLU A 81 11.07 -9.27 -13.57
C GLU A 81 9.87 -9.70 -12.75
N ASP A 82 9.63 -11.00 -12.58
CA ASP A 82 8.47 -11.39 -11.82
C ASP A 82 8.70 -11.43 -10.31
N PHE A 83 9.93 -11.33 -9.84
CA PHE A 83 10.12 -11.42 -8.39
C PHE A 83 9.70 -10.10 -7.73
N GLY A 84 9.12 -10.22 -6.57
CA GLY A 84 8.51 -9.10 -5.90
C GLY A 84 7.35 -9.60 -5.06
N ASN A 85 6.46 -8.69 -4.72
CA ASN A 85 5.35 -9.01 -3.84
C ASN A 85 4.07 -9.06 -4.66
N TYR A 86 3.19 -9.98 -4.30
CA TYR A 86 1.91 -10.13 -4.97
C TYR A 86 0.83 -9.92 -3.94
N HIS A 87 -0.23 -9.20 -4.35
CA HIS A 87 -1.34 -8.88 -3.47
C HIS A 87 -2.65 -9.19 -4.19
N CYS A 88 -3.61 -9.76 -3.47
CA CYS A 88 -4.94 -9.92 -3.99
C CYS A 88 -5.85 -8.90 -3.30
N GLN A 89 -6.98 -8.63 -3.93
CA GLN A 89 -7.89 -7.64 -3.40
C GLN A 89 -9.25 -7.96 -3.98
N HIS A 90 -10.30 -8.04 -3.15
CA HIS A 90 -11.62 -8.16 -3.72
C HIS A 90 -12.05 -6.82 -4.22
N HIS A 91 -12.79 -6.81 -5.32
CA HIS A 91 -13.34 -5.54 -5.76
C HIS A 91 -14.83 -5.70 -5.93
N TYR A 92 -15.44 -6.19 -4.86
CA TYR A 92 -16.87 -6.45 -4.79
C TYR A 92 -17.55 -5.19 -4.23
N ASP A 93 -18.31 -5.27 -3.14
CA ASP A 93 -18.87 -4.06 -2.55
C ASP A 93 -17.79 -3.35 -1.75
N THR A 94 -17.76 -2.02 -1.81
CA THR A 94 -16.84 -1.30 -0.94
C THR A 94 -17.26 -1.51 0.50
N PRO A 95 -16.30 -1.59 1.45
CA PRO A 95 -14.86 -1.31 1.31
C PRO A 95 -14.05 -2.43 0.71
N TYR A 96 -13.16 -2.12 -0.23
CA TYR A 96 -12.29 -3.17 -0.70
C TYR A 96 -11.35 -3.59 0.41
N THR A 97 -10.89 -4.83 0.35
CA THR A 97 -9.85 -5.30 1.27
C THR A 97 -8.82 -6.08 0.48
N PHE A 98 -7.61 -6.09 1.02
CA PHE A 98 -6.48 -6.76 0.41
C PHE A 98 -6.04 -7.95 1.26
N GLY A 99 -5.45 -8.92 0.58
CA GLY A 99 -4.69 -9.97 1.24
C GLY A 99 -3.46 -9.40 1.90
N GLY A 100 -2.76 -10.24 2.67
CA GLY A 100 -1.60 -9.71 3.36
C GLY A 100 -0.35 -9.68 2.50
N GLY A 101 -0.44 -10.22 1.31
CA GLY A 101 0.67 -10.22 0.36
C GLY A 101 1.44 -11.52 0.40
N THR A 102 2.11 -11.82 -0.71
CA THR A 102 2.97 -12.99 -0.89
C THR A 102 4.26 -12.52 -1.51
N LYS A 103 5.41 -12.82 -0.90
CA LYS A 103 6.67 -12.42 -1.46
C LYS A 103 7.16 -13.56 -2.35
N LEU A 104 7.40 -13.27 -3.62
CA LEU A 104 8.03 -14.21 -4.55
C LEU A 104 9.50 -13.88 -4.52
N GLU A 105 10.30 -14.80 -3.98
CA GLU A 105 11.67 -14.62 -3.58
C GLU A 105 12.54 -15.50 -4.48
N ILE A 106 13.81 -15.14 -4.65
CA ILE A 106 14.69 -15.83 -5.59
C ILE A 106 15.33 -17.04 -4.89
N LYS A 107 15.04 -18.23 -5.41
CA LYS A 107 15.58 -19.46 -4.87
C LYS A 107 17.08 -19.53 -5.20
N ARG A 108 17.87 -20.09 -4.30
CA ARG A 108 19.28 -20.39 -4.60
C ARG A 108 19.67 -21.51 -3.66
N THR A 109 20.96 -21.88 -3.66
CA THR A 109 21.37 -23.00 -2.83
C THR A 109 21.46 -22.58 -1.36
N VAL A 110 21.27 -23.57 -0.49
CA VAL A 110 21.38 -23.33 0.93
C VAL A 110 22.77 -22.83 1.25
N ALA A 111 22.86 -21.79 2.07
CA ALA A 111 24.15 -21.26 2.47
C ALA A 111 24.06 -20.85 3.93
N ALA A 112 24.86 -21.50 4.77
CA ALA A 112 24.86 -21.17 6.18
C ALA A 112 25.54 -19.82 6.38
N PRO A 113 25.13 -19.03 7.37
CA PRO A 113 25.78 -17.74 7.57
C PRO A 113 27.21 -17.87 8.08
N SER A 114 28.05 -16.91 7.68
CA SER A 114 29.26 -16.61 8.42
C SER A 114 28.85 -15.67 9.53
N VAL A 115 29.31 -15.92 10.75
CA VAL A 115 28.88 -15.13 11.89
C VAL A 115 30.08 -14.39 12.44
N PHE A 116 29.87 -13.12 12.80
CA PHE A 116 30.89 -12.24 13.36
C PHE A 116 30.27 -11.45 14.50
N ILE A 117 31.04 -11.24 15.54
CA ILE A 117 30.55 -10.41 16.63
C ILE A 117 31.47 -9.20 16.76
N PHE A 118 30.92 -8.08 17.18
CA PHE A 118 31.66 -6.82 17.27
C PHE A 118 31.40 -6.22 18.63
N PRO A 119 32.43 -5.98 19.44
CA PRO A 119 32.24 -5.30 20.70
C PRO A 119 31.93 -3.83 20.47
N PRO A 120 31.38 -3.15 21.47
CA PRO A 120 31.23 -1.70 21.35
C PRO A 120 32.58 -1.04 21.20
N SER A 121 32.59 0.04 20.43
CA SER A 121 33.78 0.85 20.26
C SER A 121 34.11 1.61 21.54
N ASP A 122 35.39 1.99 21.69
CA ASP A 122 35.76 2.87 22.79
C ASP A 122 35.02 4.19 22.70
N GLU A 123 34.89 4.71 21.48
CA GLU A 123 34.17 5.97 21.28
C GLU A 123 32.77 5.90 21.86
N GLN A 124 32.03 4.85 21.51
CA GLN A 124 30.65 4.77 21.95
C GLN A 124 30.56 4.63 23.46
N LEU A 125 31.45 3.81 24.03
CA LEU A 125 31.49 3.65 25.48
C LEU A 125 31.64 4.99 26.19
N LYS A 126 32.44 5.91 25.62
CA LYS A 126 32.64 7.21 26.27
C LYS A 126 31.39 8.07 26.27
N SER A 127 30.31 7.62 25.64
CA SER A 127 29.04 8.32 25.66
C SER A 127 28.02 7.65 26.58
N GLY A 128 28.41 6.58 27.26
CA GLY A 128 27.52 5.91 28.19
C GLY A 128 26.61 4.86 27.58
N THR A 129 26.74 4.55 26.29
CA THR A 129 25.97 3.46 25.72
C THR A 129 26.90 2.44 25.09
N ALA A 130 26.45 1.20 25.01
CA ALA A 130 27.25 0.12 24.48
C ALA A 130 26.37 -0.68 23.53
N SER A 131 26.78 -0.80 22.28
CA SER A 131 26.07 -1.60 21.30
C SER A 131 26.97 -2.76 20.92
N VAL A 132 26.46 -3.97 21.02
CA VAL A 132 27.19 -5.15 20.58
C VAL A 132 26.51 -5.63 19.31
N VAL A 133 27.29 -5.88 18.26
CA VAL A 133 26.73 -6.22 16.95
C VAL A 133 27.12 -7.65 16.58
N CYS A 134 26.13 -8.39 16.12
CA CYS A 134 26.29 -9.72 15.59
C CYS A 134 25.90 -9.67 14.13
N LEU A 135 26.79 -10.14 13.28
CA LEU A 135 26.57 -10.09 11.84
C LEU A 135 26.44 -11.53 11.34
N LEU A 136 25.35 -11.83 10.65
CA LEU A 136 25.14 -13.10 9.97
C LEU A 136 25.26 -12.75 8.49
N ASN A 137 26.30 -13.26 7.84
CA ASN A 137 26.62 -12.79 6.49
C ASN A 137 26.32 -13.86 5.44
N ASN A 138 25.56 -13.48 4.40
CA ASN A 138 25.46 -14.19 3.11
C ASN A 138 24.87 -15.58 3.30
N PHE A 139 23.67 -15.63 3.84
CA PHE A 139 23.04 -16.90 4.12
C PHE A 139 21.76 -17.04 3.32
N TYR A 140 21.31 -18.30 3.21
CA TYR A 140 20.08 -18.57 2.51
C TYR A 140 19.61 -19.93 2.95
N PRO A 141 18.31 -20.15 3.23
CA PRO A 141 17.19 -19.20 3.15
C PRO A 141 17.23 -18.11 4.24
N ARG A 142 16.16 -17.32 4.22
CA ARG A 142 16.06 -16.11 5.02
CA ARG A 142 16.05 -16.11 5.02
C ARG A 142 15.94 -16.41 6.51
N GLU A 143 15.22 -17.48 6.88
CA GLU A 143 14.94 -17.69 8.30
C GLU A 143 16.23 -17.84 9.10
N ALA A 144 16.35 -17.06 10.16
CA ALA A 144 17.54 -17.15 11.00
C ALA A 144 17.17 -16.68 12.39
N LYS A 145 17.87 -17.21 13.40
CA LYS A 145 17.56 -16.77 14.75
C LYS A 145 18.85 -16.41 15.47
N VAL A 146 18.84 -15.26 16.13
CA VAL A 146 19.97 -14.80 16.91
C VAL A 146 19.52 -14.79 18.37
N GLN A 147 20.30 -15.44 19.22
CA GLN A 147 20.06 -15.43 20.66
C GLN A 147 21.28 -14.77 21.31
N TRP A 148 21.05 -13.70 22.08
CA TRP A 148 22.13 -13.01 22.79
C TRP A 148 22.28 -13.55 24.19
N LYS A 149 23.51 -13.90 24.56
CA LYS A 149 23.79 -14.35 25.92
C LYS A 149 24.84 -13.42 26.52
N VAL A 150 24.58 -12.99 27.73
CA VAL A 150 25.48 -12.12 28.48
C VAL A 150 25.79 -12.86 29.77
N ASP A 151 27.02 -13.36 29.89
CA ASP A 151 27.41 -14.25 30.98
C ASP A 151 26.45 -15.44 31.12
N ASN A 152 26.10 -16.03 29.98
CA ASN A 152 25.23 -17.20 29.85
C ASN A 152 23.75 -16.90 30.14
N ALA A 153 23.40 -15.66 30.47
CA ALA A 153 22.00 -15.26 30.70
C ALA A 153 21.40 -14.83 29.37
N LEU A 154 20.43 -15.59 28.87
CA LEU A 154 19.83 -15.29 27.57
C LEU A 154 19.03 -14.01 27.65
N GLN A 155 19.10 -13.20 26.59
CA GLN A 155 18.62 -11.83 26.59
C GLN A 155 17.29 -11.70 25.87
N SER A 156 16.57 -10.62 26.18
CA SER A 156 15.28 -10.38 25.57
C SER A 156 15.00 -8.89 25.65
N GLY A 157 14.48 -8.32 24.56
CA GLY A 157 14.02 -6.94 24.54
C GLY A 157 15.09 -5.86 24.50
N ASN A 158 16.38 -6.20 24.58
CA ASN A 158 17.43 -5.21 24.45
C ASN A 158 18.19 -5.36 23.12
N SER A 159 17.52 -5.88 22.10
CA SER A 159 18.21 -6.06 20.83
C SER A 159 17.27 -5.79 19.67
N GLN A 160 17.84 -5.40 18.54
CA GLN A 160 17.06 -5.14 17.35
C GLN A 160 17.82 -5.72 16.19
N GLU A 161 17.11 -6.14 15.18
CA GLU A 161 17.81 -6.72 14.05
C GLU A 161 17.28 -6.14 12.76
N SER A 162 18.07 -6.32 11.71
CA SER A 162 17.75 -5.80 10.40
C SER A 162 18.30 -6.79 9.39
N VAL A 163 17.60 -6.98 8.27
CA VAL A 163 17.96 -7.98 7.29
C VAL A 163 17.98 -7.30 5.94
N THR A 164 18.99 -7.58 5.14
CA THR A 164 19.00 -6.96 3.82
C THR A 164 17.99 -7.64 2.91
N GLU A 165 17.66 -6.95 1.82
CA GLU A 165 17.04 -7.63 0.70
C GLU A 165 18.03 -8.62 0.10
N GLN A 166 17.52 -9.55 -0.73
CA GLN A 166 18.40 -10.52 -1.36
C GLN A 166 19.45 -9.83 -2.17
N ASP A 167 20.68 -10.32 -2.06
CA ASP A 167 21.79 -9.66 -2.73
C ASP A 167 21.60 -9.71 -4.24
N SER A 168 21.92 -8.61 -4.90
CA SER A 168 21.68 -8.54 -6.34
C SER A 168 22.58 -9.49 -7.10
N LYS A 169 23.72 -9.84 -6.53
CA LYS A 169 24.61 -10.75 -7.24
C LYS A 169 24.39 -12.20 -6.83
N ASP A 170 24.26 -12.51 -5.55
CA ASP A 170 24.25 -13.91 -5.16
C ASP A 170 22.96 -14.33 -4.46
N SER A 171 21.99 -13.43 -4.34
CA SER A 171 20.67 -13.70 -3.78
C SER A 171 20.70 -14.14 -2.31
N THR A 172 21.79 -13.87 -1.58
CA THR A 172 21.74 -14.24 -0.18
C THR A 172 21.19 -13.09 0.65
N TYR A 173 20.97 -13.38 1.91
CA TYR A 173 20.58 -12.39 2.90
C TYR A 173 21.75 -12.16 3.84
N SER A 174 21.78 -10.99 4.46
CA SER A 174 22.63 -10.81 5.62
C SER A 174 21.76 -10.19 6.70
N LEU A 175 22.19 -10.37 7.93
CA LEU A 175 21.39 -9.93 9.06
C LEU A 175 22.32 -9.27 10.08
N SER A 176 21.88 -8.16 10.64
CA SER A 176 22.60 -7.45 11.68
C SER A 176 21.74 -7.48 12.93
N SER A 177 22.28 -7.93 14.05
CA SER A 177 21.55 -7.86 15.30
C SER A 177 22.35 -7.02 16.27
N THR A 178 21.70 -6.03 16.87
CA THR A 178 22.37 -5.11 17.76
C THR A 178 21.80 -5.26 19.16
N LEU A 179 22.67 -5.56 20.10
CA LEU A 179 22.33 -5.58 21.51
C LEU A 179 22.79 -4.25 22.10
N THR A 180 21.87 -3.50 22.71
CA THR A 180 22.19 -2.18 23.23
C THR A 180 22.01 -2.18 24.75
N LEU A 181 23.08 -1.81 25.46
CA LEU A 181 23.20 -1.67 26.91
C LEU A 181 23.74 -0.28 27.22
N SER A 182 23.57 0.15 28.48
CA SER A 182 24.34 1.29 28.92
C SER A 182 25.77 0.83 29.24
N LYS A 183 26.68 1.79 29.39
CA LYS A 183 28.05 1.40 29.70
C LYS A 183 28.10 0.70 31.06
N ALA A 184 27.31 1.17 32.01
CA ALA A 184 27.25 0.59 33.35
C ALA A 184 26.96 -0.92 33.28
N ASP A 185 25.76 -1.29 32.80
CA ASP A 185 25.41 -2.71 32.74
C ASP A 185 26.36 -3.48 31.82
N TYR A 186 26.96 -2.82 30.82
CA TYR A 186 27.84 -3.52 29.90
C TYR A 186 29.07 -4.07 30.62
N GLU A 187 29.70 -3.29 31.47
CA GLU A 187 30.81 -3.89 32.19
C GLU A 187 30.39 -4.44 33.55
N LYS A 188 29.09 -4.56 33.79
CA LYS A 188 28.59 -5.43 34.85
C LYS A 188 28.73 -6.91 34.50
N HIS A 189 28.98 -7.24 33.23
CA HIS A 189 29.11 -8.62 32.78
C HIS A 189 30.34 -8.76 31.89
N LYS A 190 30.75 -10.01 31.64
CA LYS A 190 32.01 -10.24 30.96
C LYS A 190 31.88 -10.92 29.61
N VAL A 191 31.21 -12.07 29.51
CA VAL A 191 31.17 -12.83 28.27
C VAL A 191 29.95 -12.40 27.46
N TYR A 192 30.19 -11.97 26.23
CA TYR A 192 29.15 -11.55 25.31
C TYR A 192 29.10 -12.53 24.17
N ALA A 193 27.95 -13.16 23.97
CA ALA A 193 27.84 -14.17 22.92
C ALA A 193 26.57 -13.94 22.12
N CYS A 194 26.65 -14.09 20.81
CA CYS A 194 25.45 -14.27 20.02
C CYS A 194 25.45 -15.69 19.48
N GLU A 195 24.34 -16.40 19.71
CA GLU A 195 24.17 -17.76 19.27
C GLU A 195 23.24 -17.77 18.07
N VAL A 196 23.68 -18.39 16.99
CA VAL A 196 23.00 -18.26 15.72
C VAL A 196 22.45 -19.62 15.34
N THR A 197 21.20 -19.63 14.94
CA THR A 197 20.53 -20.82 14.44
C THR A 197 20.11 -20.51 13.02
N HIS A 198 20.46 -21.39 12.11
CA HIS A 198 20.06 -21.27 10.71
C HIS A 198 19.98 -22.70 10.19
N GLN A 199 19.01 -22.97 9.34
CA GLN A 199 18.71 -24.35 8.99
C GLN A 199 19.84 -25.00 8.19
N GLY A 200 20.77 -24.22 7.60
CA GLY A 200 21.90 -24.79 6.89
C GLY A 200 23.08 -25.17 7.77
N LEU A 201 22.98 -24.92 9.06
CA LEU A 201 24.02 -25.30 10.01
C LEU A 201 23.68 -26.68 10.52
N SER A 202 24.63 -27.32 11.17
CA SER A 202 24.29 -28.60 11.78
C SER A 202 24.16 -28.51 13.29
N SER A 203 24.36 -27.33 13.86
CA SER A 203 24.03 -27.04 15.25
C SER A 203 24.17 -25.52 15.40
N PRO A 204 23.68 -24.94 16.51
CA PRO A 204 23.83 -23.48 16.69
C PRO A 204 25.29 -23.06 16.70
N VAL A 205 25.55 -21.91 16.12
CA VAL A 205 26.88 -21.35 16.08
C VAL A 205 26.95 -20.20 17.06
N THR A 206 27.98 -20.18 17.90
CA THR A 206 28.16 -19.12 18.87
C THR A 206 29.47 -18.42 18.58
N LYS A 207 29.41 -17.11 18.40
CA LYS A 207 30.59 -16.25 18.45
C LYS A 207 30.52 -15.42 19.72
N SER A 208 31.66 -15.31 20.42
CA SER A 208 31.64 -14.64 21.70
C SER A 208 32.92 -13.86 21.90
N PHE A 209 32.89 -13.03 22.94
CA PHE A 209 34.07 -12.32 23.39
C PHE A 209 33.80 -11.92 24.84
N ASN A 210 34.85 -11.43 25.47
CA ASN A 210 34.71 -10.91 26.81
C ASN A 210 35.56 -9.67 26.92
N ARG A 211 35.08 -8.70 27.71
CA ARG A 211 35.88 -7.67 28.39
C ARG A 211 34.94 -6.54 28.77
N VAL B 2 -1.93 6.98 -19.32
CA VAL B 2 -2.51 7.27 -18.04
C VAL B 2 -1.43 7.57 -17.04
N GLN B 3 -1.52 8.70 -16.37
CA GLN B 3 -0.51 8.93 -15.36
C GLN B 3 -1.15 9.60 -14.14
N LEU B 4 -0.74 9.16 -12.96
CA LEU B 4 -1.19 9.68 -11.68
C LEU B 4 0.05 10.18 -10.95
N GLN B 5 0.14 11.49 -10.75
CA GLN B 5 1.33 12.10 -10.15
CA GLN B 5 1.31 12.14 -10.17
C GLN B 5 0.97 12.61 -8.76
N GLN B 6 1.62 12.05 -7.76
CA GLN B 6 1.35 12.40 -6.38
C GLN B 6 2.29 13.48 -5.88
N SER B 7 1.85 14.22 -4.87
CA SER B 7 2.71 15.21 -4.23
C SER B 7 3.86 14.53 -3.52
N GLY B 8 4.87 15.32 -3.12
CA GLY B 8 6.12 14.80 -2.63
C GLY B 8 6.03 14.35 -1.18
N PRO B 9 7.15 13.87 -0.66
CA PRO B 9 7.13 13.26 0.68
C PRO B 9 6.83 14.29 1.76
N GLU B 10 6.27 13.82 2.87
CA GLU B 10 5.93 14.69 3.98
C GLU B 10 6.52 14.12 5.26
N LEU B 11 7.00 15.04 6.09
CA LEU B 11 7.56 14.72 7.40
C LEU B 11 6.95 15.75 8.33
N VAL B 12 6.09 15.32 9.25
CA VAL B 12 5.33 16.24 10.08
C VAL B 12 5.27 15.71 11.50
N ARG B 13 4.83 16.56 12.41
CA ARG B 13 4.72 16.11 13.79
C ARG B 13 3.34 15.57 14.08
N PRO B 14 3.20 14.78 15.15
CA PRO B 14 1.90 14.25 15.51
C PRO B 14 0.89 15.35 15.81
N GLY B 15 -0.38 15.00 15.67
CA GLY B 15 -1.46 15.94 15.90
C GLY B 15 -1.65 16.92 14.77
N THR B 16 -0.80 16.89 13.76
CA THR B 16 -0.98 17.76 12.61
C THR B 16 -1.86 17.08 11.55
N SER B 17 -2.06 17.80 10.46
CA SER B 17 -2.89 17.37 9.36
C SER B 17 -2.10 17.60 8.08
N VAL B 18 -2.21 16.68 7.14
CA VAL B 18 -1.48 16.82 5.89
C VAL B 18 -2.43 16.55 4.74
N LYS B 19 -2.18 17.20 3.61
CA LYS B 19 -2.97 17.07 2.40
C LYS B 19 -2.06 16.50 1.31
N ILE B 20 -2.44 15.37 0.75
CA ILE B 20 -1.69 14.70 -0.31
C ILE B 20 -2.49 14.87 -1.59
N SER B 21 -1.80 15.19 -2.67
CA SER B 21 -2.51 15.38 -3.93
C SER B 21 -2.10 14.30 -4.91
N CYS B 22 -2.97 14.08 -5.87
CA CYS B 22 -2.77 13.12 -6.94
C CYS B 22 -3.35 13.75 -8.19
N LYS B 23 -2.50 14.17 -9.11
CA LYS B 23 -2.92 14.81 -10.36
C LYS B 23 -3.00 13.76 -11.46
N ALA B 24 -4.17 13.64 -12.08
CA ALA B 24 -4.41 12.62 -13.09
C ALA B 24 -4.29 13.22 -14.50
N SER B 25 -3.72 12.46 -15.41
CA SER B 25 -3.65 12.89 -16.81
C SER B 25 -3.81 11.65 -17.68
N GLY B 26 -4.18 11.90 -18.94
CA GLY B 26 -4.27 10.85 -19.93
C GLY B 26 -5.55 10.04 -19.97
N TYR B 27 -6.60 10.51 -19.29
CA TYR B 27 -7.92 9.89 -19.35
C TYR B 27 -8.93 10.89 -18.80
N THR B 28 -10.21 10.55 -18.90
CA THR B 28 -11.26 11.46 -18.45
C THR B 28 -11.37 11.33 -16.95
N PHE B 29 -10.76 12.29 -16.26
CA PHE B 29 -10.75 12.30 -14.80
C PHE B 29 -12.15 12.09 -14.22
N LEU B 30 -13.18 12.56 -14.91
CA LEU B 30 -14.47 12.63 -14.22
C LEU B 30 -15.14 11.27 -14.12
N THR B 31 -14.88 10.38 -15.08
CA THR B 31 -15.61 9.12 -15.20
C THR B 31 -14.99 7.95 -14.46
N TYR B 32 -13.93 8.14 -13.68
CA TYR B 32 -13.33 7.04 -12.94
C TYR B 32 -13.28 7.37 -11.46
N TRP B 33 -13.33 6.34 -10.63
CA TRP B 33 -13.06 6.46 -9.20
C TRP B 33 -11.60 6.73 -8.97
N MET B 34 -11.30 7.58 -8.00
CA MET B 34 -9.95 7.72 -7.48
C MET B 34 -9.93 7.14 -6.10
N ASN B 35 -9.12 6.14 -5.91
CA ASN B 35 -8.94 5.38 -4.68
C ASN B 35 -7.67 5.80 -3.98
N TRP B 36 -7.65 5.62 -2.65
CA TRP B 36 -6.47 5.90 -1.86
C TRP B 36 -6.17 4.65 -1.05
N VAL B 37 -4.90 4.29 -1.03
CA VAL B 37 -4.46 3.07 -0.39
C VAL B 37 -3.30 3.39 0.54
N LYS B 38 -3.22 2.71 1.67
CA LYS B 38 -2.15 2.92 2.63
C LYS B 38 -1.27 1.69 2.70
N GLN B 39 0.03 1.90 2.82
CA GLN B 39 0.92 0.73 2.97
C GLN B 39 1.94 1.09 4.03
N ARG B 40 1.82 0.47 5.19
CA ARG B 40 2.81 0.75 6.20
CA ARG B 40 2.79 0.70 6.24
C ARG B 40 4.11 0.02 5.89
N PRO B 41 5.27 0.55 6.37
CA PRO B 41 6.57 -0.06 6.06
C PRO B 41 6.57 -1.57 6.29
N GLY B 42 6.90 -2.35 5.26
CA GLY B 42 6.95 -3.79 5.39
C GLY B 42 5.60 -4.49 5.45
N GLN B 43 4.51 -3.81 5.17
CA GLN B 43 3.18 -4.37 5.40
C GLN B 43 2.42 -4.49 4.10
N GLY B 44 1.22 -5.08 4.17
CA GLY B 44 0.31 -5.14 3.05
C GLY B 44 -0.44 -3.83 2.82
N LEU B 45 -1.36 -3.88 1.88
CA LEU B 45 -2.09 -2.69 1.45
C LEU B 45 -3.39 -2.56 2.25
N GLU B 46 -3.80 -1.32 2.48
CA GLU B 46 -5.09 -1.04 3.12
C GLU B 46 -5.82 -0.02 2.27
N TRP B 47 -7.08 -0.28 1.98
CA TRP B 47 -7.88 0.62 1.18
C TRP B 47 -8.50 1.67 2.09
N ILE B 48 -8.28 2.93 1.76
CA ILE B 48 -8.79 4.03 2.58
C ILE B 48 -10.17 4.46 2.16
N GLY B 49 -10.35 4.63 0.86
CA GLY B 49 -11.64 5.10 0.38
C GLY B 49 -11.50 5.49 -1.07
N GLN B 50 -12.58 6.04 -1.61
CA GLN B 50 -12.54 6.41 -3.01
C GLN B 50 -13.52 7.54 -3.23
N ILE B 51 -13.28 8.28 -4.31
CA ILE B 51 -14.13 9.39 -4.66
C ILE B 51 -14.40 9.32 -6.16
N PHE B 52 -15.61 9.70 -6.54
CA PHE B 52 -16.01 9.76 -7.94
C PHE B 52 -16.12 11.21 -8.34
N PRO B 53 -15.15 11.75 -9.08
CA PRO B 53 -15.05 13.21 -9.21
C PRO B 53 -16.25 13.80 -9.91
N ALA B 54 -16.90 13.07 -10.82
CA ALA B 54 -18.01 13.67 -11.53
C ALA B 54 -19.09 14.12 -10.57
N THR B 55 -19.30 13.36 -9.49
CA THR B 55 -20.36 13.71 -8.54
C THR B 55 -19.84 14.09 -7.17
N GLY B 56 -18.59 13.76 -6.87
CA GLY B 56 -18.04 13.98 -5.56
C GLY B 56 -18.43 12.90 -4.59
N SER B 57 -19.12 11.87 -5.04
CA SER B 57 -19.49 10.78 -4.17
C SER B 57 -18.27 10.11 -3.57
N THR B 58 -18.33 9.82 -2.27
CA THR B 58 -17.19 9.23 -1.57
C THR B 58 -17.62 8.01 -0.79
N HIS B 59 -16.71 7.06 -0.68
CA HIS B 59 -16.96 5.85 0.10
C HIS B 59 -15.69 5.57 0.87
N TYR B 60 -15.81 5.35 2.16
CA TYR B 60 -14.64 5.17 3.00
C TYR B 60 -14.67 3.81 3.65
N ASN B 61 -13.49 3.27 3.83
CA ASN B 61 -13.23 2.30 4.87
C ASN B 61 -13.50 2.93 6.23
N GLU B 62 -14.39 2.29 7.00
CA GLU B 62 -14.81 2.87 8.27
C GLU B 62 -13.64 3.07 9.23
N MET B 63 -12.61 2.23 9.13
CA MET B 63 -11.38 2.41 9.89
C MET B 63 -10.74 3.77 9.69
N PHE B 64 -11.00 4.43 8.56
CA PHE B 64 -10.41 5.73 8.24
C PHE B 64 -11.43 6.89 8.29
N LYS B 65 -12.65 6.63 8.73
CA LYS B 65 -13.70 7.67 8.69
C LYS B 65 -13.29 8.92 9.47
N ASP B 66 -12.62 8.78 10.61
CA ASP B 66 -12.16 9.96 11.33
C ASP B 66 -10.83 10.49 10.84
N LYS B 67 -10.12 9.75 10.00
CA LYS B 67 -8.73 10.04 9.71
C LYS B 67 -8.55 10.72 8.37
N ALA B 68 -9.24 10.26 7.33
CA ALA B 68 -9.01 10.68 5.98
C ALA B 68 -10.25 11.41 5.48
N THR B 69 -10.05 12.46 4.68
CA THR B 69 -11.16 13.12 4.01
C THR B 69 -10.77 13.32 2.56
N LEU B 70 -11.59 12.84 1.65
CA LEU B 70 -11.25 12.90 0.24
C LEU B 70 -11.94 14.07 -0.43
N ASN B 71 -11.24 14.77 -1.33
CA ASN B 71 -11.99 15.70 -2.19
C ASN B 71 -11.27 15.79 -3.53
N GLU B 72 -11.76 16.66 -4.41
CA GLU B 72 -11.36 16.66 -5.83
C GLU B 72 -11.37 18.10 -6.31
N ASP B 73 -10.44 18.46 -7.19
CA ASP B 73 -10.46 19.76 -7.89
C ASP B 73 -10.65 19.42 -9.36
N THR B 74 -11.89 19.47 -9.80
CA THR B 74 -12.23 19.18 -11.19
C THR B 74 -11.46 20.05 -12.17
N SER B 75 -11.20 21.31 -11.82
CA SER B 75 -10.55 22.17 -12.81
C SER B 75 -9.10 21.75 -13.07
N SER B 76 -8.45 21.06 -12.14
CA SER B 76 -7.06 20.70 -12.33
C SER B 76 -6.84 19.18 -12.38
N ASN B 77 -7.90 18.40 -12.50
CA ASN B 77 -7.79 16.94 -12.55
C ASN B 77 -7.03 16.40 -11.35
N THR B 78 -7.28 16.97 -10.18
CA THR B 78 -6.52 16.60 -9.00
C THR B 78 -7.42 16.08 -7.90
N ALA B 79 -7.05 14.92 -7.38
CA ALA B 79 -7.69 14.34 -6.21
C ALA B 79 -6.85 14.63 -4.99
N TYR B 80 -7.50 14.89 -3.87
CA TYR B 80 -6.78 15.18 -2.63
C TYR B 80 -7.26 14.23 -1.55
N MET B 81 -6.34 13.90 -0.64
CA MET B 81 -6.68 13.20 0.59
C MET B 81 -6.11 14.01 1.74
N GLN B 82 -6.96 14.38 2.70
CA GLN B 82 -6.50 15.03 3.92
C GLN B 82 -6.42 13.95 5.01
N LEU B 83 -5.29 13.89 5.69
CA LEU B 83 -5.09 12.99 6.82
C LEU B 83 -4.90 13.85 8.06
N SER B 84 -5.73 13.63 9.08
CA SER B 84 -5.77 14.54 10.22
C SER B 84 -5.53 13.79 11.53
N GLY B 85 -5.32 14.55 12.61
CA GLY B 85 -4.96 13.95 13.91
C GLY B 85 -3.83 12.92 13.78
N LEU B 86 -2.75 13.30 13.10
CA LEU B 86 -1.77 12.31 12.68
C LEU B 86 -1.07 11.74 13.91
N THR B 87 -0.70 10.47 13.82
CA THR B 87 0.10 9.80 14.84
C THR B 87 1.12 8.94 14.11
N SER B 88 2.04 8.36 14.87
CA SER B 88 3.06 7.56 14.19
C SER B 88 2.46 6.35 13.45
N GLU B 89 1.29 5.87 13.87
CA GLU B 89 0.65 4.82 13.09
C GLU B 89 0.23 5.27 11.69
N ASP B 90 0.21 6.59 11.42
CA ASP B 90 -0.05 7.06 10.06
C ASP B 90 1.19 7.07 9.18
N THR B 91 2.37 6.83 9.75
CA THR B 91 3.56 6.73 8.93
C THR B 91 3.41 5.57 7.96
N ALA B 92 3.49 5.86 6.65
CA ALA B 92 3.19 4.86 5.63
C ALA B 92 3.47 5.49 4.28
N VAL B 93 3.41 4.67 3.23
CA VAL B 93 3.28 5.21 1.88
C VAL B 93 1.80 5.19 1.51
N TYR B 94 1.34 6.25 0.87
CA TYR B 94 -0.04 6.38 0.44
C TYR B 94 -0.07 6.47 -1.08
N PHE B 95 -0.92 5.67 -1.69
CA PHE B 95 -1.10 5.67 -3.13
C PHE B 95 -2.48 6.16 -3.48
N CYS B 96 -2.56 6.91 -4.58
CA CYS B 96 -3.84 7.01 -5.29
C CYS B 96 -3.86 6.03 -6.44
N ALA B 97 -5.05 5.60 -6.81
CA ALA B 97 -5.21 4.62 -7.88
C ALA B 97 -6.60 4.75 -8.49
N ARG B 98 -6.64 4.63 -9.81
CA ARG B 98 -7.85 4.75 -10.59
C ARG B 98 -8.61 3.43 -10.58
N SER B 99 -9.93 3.50 -10.58
CA SER B 99 -10.69 2.28 -10.80
C SER B 99 -12.04 2.63 -11.43
N ARG B 100 -12.66 1.62 -12.04
CA ARG B 100 -14.08 1.67 -12.39
C ARG B 100 -14.84 0.87 -11.33
N TYR B 101 -16.17 1.08 -11.28
CA TYR B 101 -17.00 0.38 -10.31
C TYR B 101 -16.78 -1.11 -10.37
N ARG B 102 -16.62 -1.72 -9.21
CA ARG B 102 -16.46 -3.17 -9.12
C ARG B 102 -15.36 -3.69 -10.04
N ASN B 103 -14.26 -2.97 -10.07
CA ASN B 103 -13.18 -3.35 -10.94
C ASN B 103 -11.88 -3.07 -10.21
N GLY B 104 -10.78 -3.54 -10.78
CA GLY B 104 -9.51 -3.36 -10.10
C GLY B 104 -8.98 -1.94 -10.14
N LEU B 105 -7.93 -1.74 -9.34
CA LEU B 105 -7.19 -0.49 -9.32
C LEU B 105 -6.17 -0.56 -10.46
N ASP B 106 -6.52 0.03 -11.62
CA ASP B 106 -5.75 -0.30 -12.81
C ASP B 106 -4.57 0.62 -13.06
N TYR B 107 -4.54 1.80 -12.48
CA TYR B 107 -3.35 2.65 -12.60
C TYR B 107 -3.08 3.29 -11.27
N TRP B 108 -1.81 3.34 -10.86
CA TRP B 108 -1.44 3.82 -9.54
C TRP B 108 -0.51 5.02 -9.64
N GLY B 109 -0.62 5.94 -8.68
CA GLY B 109 0.40 6.96 -8.53
C GLY B 109 1.67 6.36 -7.98
N GLN B 110 2.71 7.19 -7.89
CA GLN B 110 4.01 6.67 -7.48
C GLN B 110 4.11 6.51 -5.98
N GLY B 111 3.10 6.93 -5.24
CA GLY B 111 3.26 6.87 -3.79
C GLY B 111 3.77 8.17 -3.21
N THR B 112 3.29 8.45 -2.00
CA THR B 112 3.69 9.60 -1.22
C THR B 112 4.07 9.02 0.13
N THR B 113 5.32 9.22 0.52
CA THR B 113 5.75 8.82 1.85
C THR B 113 5.36 9.88 2.88
N LEU B 114 4.74 9.42 3.96
CA LEU B 114 4.36 10.26 5.08
C LEU B 114 5.07 9.73 6.31
N THR B 115 5.86 10.59 6.96
CA THR B 115 6.46 10.23 8.22
C THR B 115 5.93 11.14 9.32
N VAL B 116 5.41 10.54 10.38
CA VAL B 116 4.87 11.28 11.51
C VAL B 116 5.73 10.99 12.71
N SER B 117 6.32 12.04 13.27
CA SER B 117 7.29 11.81 14.33
C SER B 117 7.46 13.08 15.11
N SER B 118 7.62 12.96 16.41
CA SER B 118 7.96 14.11 17.22
C SER B 118 9.47 14.27 17.35
N ALA B 119 10.24 13.38 16.72
CA ALA B 119 11.70 13.50 16.75
C ALA B 119 12.15 14.71 15.96
N SER B 120 13.26 15.28 16.39
CA SER B 120 13.86 16.42 15.74
C SER B 120 15.05 15.96 14.92
N THR B 121 15.39 16.73 13.91
CA THR B 121 16.53 16.41 13.05
C THR B 121 17.76 16.19 13.91
N LYS B 122 18.49 15.12 13.64
CA LYS B 122 19.66 14.81 14.44
C LYS B 122 20.60 13.96 13.61
N GLY B 123 21.86 14.37 13.54
CA GLY B 123 22.85 13.63 12.80
C GLY B 123 23.31 12.40 13.55
N PRO B 124 23.84 11.42 12.83
CA PRO B 124 24.22 10.15 13.45
C PRO B 124 25.56 10.20 14.16
N SER B 125 25.70 9.34 15.15
CA SER B 125 27.02 9.02 15.66
C SER B 125 27.50 7.82 14.85
N VAL B 126 28.74 7.87 14.39
CA VAL B 126 29.30 6.77 13.62
C VAL B 126 30.38 6.12 14.47
N PHE B 127 30.21 4.82 14.74
CA PHE B 127 31.13 4.06 15.55
C PHE B 127 31.70 2.91 14.74
N PRO B 128 32.99 2.60 14.90
CA PRO B 128 33.58 1.47 14.14
C PRO B 128 33.07 0.13 14.65
N LEU B 129 32.90 -0.80 13.74
CA LEU B 129 32.76 -2.22 14.04
C LEU B 129 34.11 -2.78 13.63
N ALA B 130 35.01 -2.95 14.61
CA ALA B 130 36.41 -3.20 14.29
C ALA B 130 36.62 -4.67 13.95
N PRO B 131 37.36 -4.98 12.88
CA PRO B 131 37.66 -6.38 12.58
C PRO B 131 38.59 -7.00 13.62
N SER B 132 38.45 -8.31 13.81
CA SER B 132 39.50 -9.14 14.43
C SER B 132 39.26 -10.61 14.10
N GLY B 139 40.37 -16.58 7.00
CA GLY B 139 40.49 -16.01 5.68
C GLY B 139 39.72 -14.70 5.42
N THR B 140 38.44 -14.67 5.76
CA THR B 140 37.60 -13.50 5.53
C THR B 140 37.35 -12.75 6.83
N ALA B 141 37.62 -11.45 6.82
CA ALA B 141 37.36 -10.57 7.94
C ALA B 141 36.18 -9.65 7.63
N ALA B 142 35.39 -9.36 8.65
CA ALA B 142 34.27 -8.45 8.50
C ALA B 142 34.57 -7.18 9.29
N LEU B 143 34.22 -6.04 8.73
CA LEU B 143 34.33 -4.83 9.52
C LEU B 143 33.16 -3.95 9.13
N GLY B 144 32.98 -2.85 9.86
CA GLY B 144 31.84 -2.04 9.51
C GLY B 144 31.77 -0.76 10.30
N CYS B 145 30.60 -0.12 10.20
CA CYS B 145 30.32 1.13 10.87
C CYS B 145 28.91 1.05 11.41
N LEU B 146 28.74 1.42 12.67
CA LEU B 146 27.44 1.54 13.28
C LEU B 146 27.04 3.00 13.21
N VAL B 147 25.89 3.26 12.59
CA VAL B 147 25.42 4.60 12.30
C VAL B 147 24.18 4.79 13.15
N LYS B 148 24.33 5.45 14.28
CA LYS B 148 23.41 5.32 15.41
C LYS B 148 22.69 6.65 15.68
N ASP B 149 21.37 6.56 15.88
CA ASP B 149 20.57 7.64 16.48
C ASP B 149 20.52 8.88 15.59
N TYR B 150 19.96 8.72 14.40
CA TYR B 150 19.79 9.87 13.52
C TYR B 150 18.33 10.01 13.16
N PHE B 151 17.97 11.19 12.69
CA PHE B 151 16.61 11.47 12.23
C PHE B 151 16.65 12.65 11.29
N PRO B 152 15.93 12.63 10.16
CA PRO B 152 15.14 11.51 9.64
C PRO B 152 15.97 10.65 8.71
N GLU B 153 15.36 9.63 8.14
CA GLU B 153 15.95 8.96 7.01
C GLU B 153 16.13 9.95 5.86
N PRO B 154 17.08 9.71 4.95
CA PRO B 154 18.01 8.59 4.96
C PRO B 154 19.43 9.03 5.35
N VAL B 155 20.30 8.07 5.62
CA VAL B 155 21.74 8.32 5.59
C VAL B 155 22.25 7.59 4.37
N THR B 156 23.35 8.08 3.83
CA THR B 156 24.10 7.31 2.84
C THR B 156 25.41 6.81 3.45
N VAL B 157 25.81 5.60 3.08
CA VAL B 157 27.09 5.06 3.51
C VAL B 157 27.84 4.60 2.28
N SER B 158 29.10 4.99 2.16
CA SER B 158 30.00 4.41 1.19
C SER B 158 31.27 3.99 1.92
N TRP B 159 32.08 3.21 1.23
CA TRP B 159 33.33 2.70 1.76
C TRP B 159 34.48 3.12 0.86
N ASN B 160 35.53 3.65 1.46
CA ASN B 160 36.68 4.14 0.71
C ASN B 160 36.21 5.01 -0.45
N SER B 161 35.26 5.89 -0.12
CA SER B 161 34.76 6.92 -1.04
C SER B 161 34.15 6.31 -2.29
N GLY B 162 33.54 5.14 -2.17
CA GLY B 162 32.96 4.46 -3.30
C GLY B 162 33.90 3.55 -4.04
N ALA B 163 35.18 3.50 -3.66
CA ALA B 163 36.11 2.56 -4.28
C ALA B 163 35.83 1.12 -3.86
N LEU B 164 35.17 0.92 -2.72
CA LEU B 164 34.98 -0.42 -2.19
C LEU B 164 33.48 -0.64 -2.18
N THR B 165 33.02 -1.51 -3.05
CA THR B 165 31.61 -1.88 -3.19
C THR B 165 31.37 -3.35 -3.01
N SER B 166 32.34 -4.20 -3.33
CA SER B 166 32.06 -5.63 -3.26
C SER B 166 32.08 -6.11 -1.81
N GLY B 167 31.14 -7.00 -1.48
CA GLY B 167 31.02 -7.45 -0.12
C GLY B 167 30.43 -6.45 0.85
N VAL B 168 29.99 -5.28 0.39
CA VAL B 168 29.38 -4.29 1.28
C VAL B 168 27.92 -4.65 1.49
N HIS B 169 27.47 -4.61 2.75
CA HIS B 169 26.05 -4.69 3.04
C HIS B 169 25.68 -3.53 3.94
N THR B 170 24.81 -2.65 3.47
CA THR B 170 24.29 -1.60 4.31
C THR B 170 22.87 -1.97 4.68
N PHE B 171 22.62 -2.10 5.97
CA PHE B 171 21.36 -2.64 6.43
C PHE B 171 20.27 -1.57 6.42
N PRO B 172 19.03 -1.98 6.25
CA PRO B 172 17.91 -1.04 6.45
C PRO B 172 17.95 -0.50 7.86
N ALA B 173 17.62 0.79 8.00
CA ALA B 173 17.60 1.39 9.32
C ALA B 173 16.51 0.75 10.16
N VAL B 174 16.75 0.65 11.47
CA VAL B 174 15.72 0.27 12.41
C VAL B 174 15.33 1.51 13.21
N LEU B 175 14.03 1.67 13.39
CA LEU B 175 13.47 2.76 14.18
C LEU B 175 13.50 2.34 15.64
N GLN B 176 14.25 3.06 16.47
CA GLN B 176 14.40 2.70 17.86
C GLN B 176 13.29 3.33 18.68
N SER B 177 13.22 2.94 19.96
CA SER B 177 12.12 3.39 20.81
C SER B 177 12.18 4.90 21.06
N SER B 178 13.35 5.50 20.92
CA SER B 178 13.54 6.94 21.03
C SER B 178 12.95 7.72 19.87
N GLY B 179 12.53 7.05 18.80
CA GLY B 179 12.15 7.73 17.59
C GLY B 179 13.30 7.99 16.62
N LEU B 180 14.53 7.64 17.00
CA LEU B 180 15.69 7.79 16.13
C LEU B 180 15.98 6.49 15.39
N TYR B 181 16.62 6.60 14.23
CA TYR B 181 17.02 5.44 13.46
C TYR B 181 18.45 5.04 13.77
N SER B 182 18.74 3.75 13.53
CA SER B 182 20.11 3.26 13.55
C SER B 182 20.29 2.25 12.44
N LEU B 183 21.49 2.21 11.88
CA LEU B 183 21.81 1.16 10.93
C LEU B 183 23.28 0.88 11.03
N SER B 184 23.68 -0.20 10.39
CA SER B 184 25.07 -0.54 10.28
C SER B 184 25.37 -0.86 8.82
N SER B 185 26.62 -0.64 8.44
CA SER B 185 27.15 -1.03 7.15
C SER B 185 28.36 -1.90 7.42
N VAL B 186 28.45 -3.03 6.75
CA VAL B 186 29.55 -3.96 6.98
C VAL B 186 30.13 -4.31 5.62
N VAL B 187 31.36 -4.80 5.67
CA VAL B 187 32.00 -5.26 4.46
C VAL B 187 32.93 -6.37 4.88
N THR B 188 32.98 -7.39 4.06
CA THR B 188 33.94 -8.47 4.24
C THR B 188 35.08 -8.28 3.26
N VAL B 189 36.29 -8.45 3.76
CA VAL B 189 37.51 -8.28 2.97
C VAL B 189 38.43 -9.40 3.29
N PRO B 190 39.37 -9.73 2.42
CA PRO B 190 40.42 -10.68 2.80
C PRO B 190 41.10 -10.18 4.07
N SER B 191 41.24 -11.08 5.04
CA SER B 191 41.88 -10.69 6.29
C SER B 191 43.36 -10.34 6.09
N SER B 192 43.98 -10.82 5.00
CA SER B 192 45.34 -10.41 4.66
C SER B 192 45.43 -8.94 4.25
N SER B 193 44.31 -8.25 4.06
CA SER B 193 44.37 -6.84 3.72
C SER B 193 44.30 -5.94 4.93
N LEU B 194 44.08 -6.49 6.13
CA LEU B 194 43.78 -5.65 7.28
C LEU B 194 45.00 -4.87 7.75
N GLY B 195 46.19 -5.47 7.68
CA GLY B 195 47.38 -4.75 8.06
C GLY B 195 47.70 -3.62 7.09
N THR B 196 47.44 -3.85 5.80
CA THR B 196 47.92 -2.93 4.78
C THR B 196 46.87 -1.90 4.37
N GLN B 197 45.63 -2.33 4.16
CA GLN B 197 44.63 -1.50 3.50
C GLN B 197 43.81 -0.73 4.52
N THR B 198 43.53 0.52 4.21
CA THR B 198 42.75 1.35 5.10
C THR B 198 41.28 1.29 4.70
N TYR B 199 40.42 1.08 5.67
CA TYR B 199 38.99 1.03 5.40
C TYR B 199 38.32 2.20 6.10
N ILE B 200 37.61 3.01 5.32
CA ILE B 200 36.89 4.18 5.83
C ILE B 200 35.44 4.08 5.40
N CYS B 201 34.53 4.19 6.34
CA CYS B 201 33.14 4.34 5.95
C CYS B 201 32.83 5.83 5.87
N ASN B 202 32.18 6.24 4.78
CA ASN B 202 31.79 7.63 4.54
C ASN B 202 30.30 7.70 4.78
N VAL B 203 29.91 8.43 5.81
CA VAL B 203 28.51 8.48 6.22
C VAL B 203 28.04 9.91 6.03
N ASN B 204 27.00 10.08 5.24
CA ASN B 204 26.45 11.41 4.96
C ASN B 204 24.98 11.41 5.35
N HIS B 205 24.57 12.39 6.15
CA HIS B 205 23.18 12.55 6.58
C HIS B 205 22.82 13.97 6.18
N LYS B 206 22.33 14.13 4.95
CA LYS B 206 22.13 15.48 4.44
C LYS B 206 21.11 16.31 5.24
N PRO B 207 20.07 15.75 5.86
CA PRO B 207 19.17 16.60 6.67
C PRO B 207 19.85 17.32 7.82
N SER B 208 20.96 16.81 8.34
CA SER B 208 21.67 17.47 9.45
C SER B 208 23.02 18.02 9.00
N ASN B 209 23.35 17.89 7.71
CA ASN B 209 24.65 18.29 7.17
C ASN B 209 25.77 17.60 7.93
N THR B 210 25.54 16.34 8.29
CA THR B 210 26.54 15.54 8.98
C THR B 210 27.31 14.74 7.94
N LYS B 211 28.64 14.81 8.01
CA LYS B 211 29.54 14.06 7.16
C LYS B 211 30.61 13.46 8.05
N VAL B 212 30.71 12.14 8.06
CA VAL B 212 31.70 11.42 8.85
C VAL B 212 32.45 10.49 7.91
N ASP B 213 33.77 10.52 7.98
CA ASP B 213 34.65 9.54 7.36
C ASP B 213 35.32 8.87 8.53
N LYS B 214 34.83 7.69 8.92
CA LYS B 214 35.37 6.96 10.05
C LYS B 214 36.30 5.89 9.53
N LYS B 215 37.58 5.98 9.91
CA LYS B 215 38.53 4.92 9.62
C LYS B 215 38.26 3.76 10.57
N VAL B 216 38.21 2.54 10.04
CA VAL B 216 37.87 1.37 10.84
C VAL B 216 39.12 0.52 10.90
N GLU B 217 39.73 0.48 12.07
CA GLU B 217 41.02 -0.12 12.27
C GLU B 217 40.90 -1.38 13.12
N PRO B 218 41.70 -2.41 12.82
CA PRO B 218 41.71 -3.67 13.59
C PRO B 218 41.95 -3.48 15.10
N CYS C 1 -18.34 3.50 -24.81
CA CYS C 1 -19.22 4.64 -24.55
C CYS C 1 -18.60 5.96 -25.04
N PRO C 2 -19.43 6.97 -25.31
CA PRO C 2 -18.88 8.29 -25.65
C PRO C 2 -18.06 8.89 -24.51
N VAL C 3 -17.30 9.93 -24.88
CA VAL C 3 -16.46 10.63 -23.92
C VAL C 3 -17.28 11.17 -22.77
N ASN C 4 -16.78 10.98 -21.56
CA ASN C 4 -17.36 11.43 -20.30
C ASN C 4 -18.61 10.67 -19.91
N TRP C 5 -18.94 9.58 -20.60
CA TRP C 5 -19.92 8.64 -20.06
C TRP C 5 -19.23 7.47 -19.36
N VAL C 6 -19.96 6.82 -18.47
CA VAL C 6 -19.47 5.68 -17.69
C VAL C 6 -20.08 4.42 -18.28
N GLU C 7 -19.25 3.49 -18.70
CA GLU C 7 -19.76 2.24 -19.26
C GLU C 7 -19.99 1.26 -18.11
N HIS C 8 -21.15 0.61 -18.11
CA HIS C 8 -21.42 -0.43 -17.11
C HIS C 8 -22.41 -1.43 -17.70
N GLN C 9 -21.99 -2.68 -17.84
CA GLN C 9 -22.90 -3.79 -18.19
C GLN C 9 -23.75 -3.46 -19.42
N GLY C 10 -23.08 -3.10 -20.51
CA GLY C 10 -23.78 -2.81 -21.76
C GLY C 10 -24.54 -1.49 -21.81
N SER C 11 -24.49 -0.67 -20.79
CA SER C 11 -25.07 0.66 -20.84
C SER C 11 -23.98 1.72 -20.64
N CYS C 12 -24.26 2.91 -21.11
CA CYS C 12 -23.47 4.11 -20.85
C CYS C 12 -24.28 5.04 -19.98
N TYR C 13 -23.63 5.66 -19.00
CA TYR C 13 -24.32 6.50 -18.05
C TYR C 13 -23.61 7.81 -17.96
N TRP C 14 -24.39 8.86 -17.78
CA TRP C 14 -23.84 10.17 -17.63
C TRP C 14 -24.42 10.71 -16.35
N PHE C 15 -23.57 11.12 -15.42
CA PHE C 15 -24.00 11.60 -14.09
C PHE C 15 -23.84 13.11 -14.02
N SER C 16 -24.92 13.83 -13.75
CA SER C 16 -24.79 15.29 -13.67
C SER C 16 -24.16 15.64 -12.32
N HIS C 17 -23.60 16.84 -12.22
CA HIS C 17 -23.16 17.37 -10.93
C HIS C 17 -23.94 18.62 -10.55
N SER C 18 -25.00 18.93 -11.29
CA SER C 18 -25.86 20.06 -11.04
C SER C 18 -27.28 19.57 -11.25
N GLY C 19 -28.26 20.44 -11.05
CA GLY C 19 -29.64 20.01 -10.93
C GLY C 19 -30.49 20.52 -12.08
N LYS C 20 -31.51 19.74 -12.43
CA LYS C 20 -32.60 20.22 -13.28
C LYS C 20 -33.92 19.71 -12.71
N ALA C 21 -35.01 20.38 -13.09
CA ALA C 21 -36.33 19.80 -12.90
C ALA C 21 -36.41 18.49 -13.68
N TRP C 22 -37.34 17.62 -13.27
CA TRP C 22 -37.36 16.27 -13.83
C TRP C 22 -37.51 16.29 -15.34
N ALA C 23 -38.48 17.06 -15.84
CA ALA C 23 -38.71 17.04 -17.29
C ALA C 23 -37.55 17.69 -18.04
N GLU C 24 -36.89 18.69 -17.45
CA GLU C 24 -35.72 19.25 -18.11
C GLU C 24 -34.59 18.22 -18.15
N ALA C 25 -34.44 17.45 -17.06
CA ALA C 25 -33.46 16.38 -17.02
C ALA C 25 -33.75 15.33 -18.09
N GLU C 26 -35.02 14.92 -18.22
CA GLU C 26 -35.34 13.93 -19.23
C GLU C 26 -35.08 14.50 -20.62
N LYS C 27 -35.45 15.77 -20.83
CA LYS C 27 -35.21 16.37 -22.14
C LYS C 27 -33.71 16.39 -22.45
N TYR C 28 -32.88 16.74 -21.46
CA TYR C 28 -31.43 16.72 -21.64
C TYR C 28 -30.96 15.32 -22.08
N CYS C 29 -31.47 14.28 -21.44
CA CYS C 29 -31.02 12.94 -21.80
C CYS C 29 -31.45 12.59 -23.21
N GLN C 30 -32.67 12.95 -23.57
CA GLN C 30 -33.14 12.63 -24.92
C GLN C 30 -32.29 13.30 -25.96
N LEU C 31 -31.74 14.49 -25.66
CA LEU C 31 -30.89 15.18 -26.64
C LEU C 31 -29.55 14.48 -26.78
N GLU C 32 -29.19 13.65 -25.81
CA GLU C 32 -28.01 12.81 -25.86
C GLU C 32 -28.34 11.41 -26.40
N ASN C 33 -29.49 11.27 -27.06
CA ASN C 33 -30.06 10.01 -27.52
C ASN C 33 -30.14 9.00 -26.40
N ALA C 34 -30.60 9.47 -25.25
CA ALA C 34 -30.67 8.66 -24.06
C ALA C 34 -31.99 8.94 -23.36
N HIS C 35 -32.11 8.42 -22.16
CA HIS C 35 -33.23 8.66 -21.30
C HIS C 35 -32.67 8.83 -19.89
N LEU C 36 -33.43 9.47 -19.02
CA LEU C 36 -33.18 9.31 -17.60
C LEU C 36 -33.01 7.82 -17.27
N VAL C 37 -32.12 7.52 -16.34
CA VAL C 37 -31.78 6.13 -16.05
C VAL C 37 -33.02 5.33 -15.69
N VAL C 38 -33.12 4.15 -16.28
CA VAL C 38 -34.17 3.20 -15.96
C VAL C 38 -33.51 2.09 -15.13
N ILE C 39 -33.92 1.95 -13.88
CA ILE C 39 -33.23 1.00 -13.01
C ILE C 39 -33.92 -0.35 -13.15
N ASN C 40 -33.23 -1.31 -13.77
CA ASN C 40 -33.85 -2.59 -14.12
C ASN C 40 -33.56 -3.68 -13.11
N SER C 41 -32.69 -3.43 -12.15
CA SER C 41 -32.27 -4.53 -11.28
C SER C 41 -31.59 -3.98 -10.06
N TRP C 42 -31.53 -4.85 -9.04
CA TRP C 42 -30.74 -4.59 -7.84
C TRP C 42 -29.29 -4.24 -8.17
N GLU C 43 -28.70 -4.98 -9.11
CA GLU C 43 -27.30 -4.70 -9.43
C GLU C 43 -27.14 -3.32 -10.05
N GLU C 44 -28.07 -2.93 -10.92
CA GLU C 44 -27.99 -1.59 -11.46
C GLU C 44 -28.26 -0.54 -10.39
N GLN C 45 -29.22 -0.83 -9.51
CA GLN C 45 -29.54 0.10 -8.44
C GLN C 45 -28.30 0.40 -7.60
N LYS C 46 -27.56 -0.66 -7.23
CA LYS C 46 -26.37 -0.51 -6.43
C LYS C 46 -25.33 0.30 -7.17
N PHE C 47 -25.18 0.03 -8.47
CA PHE C 47 -24.25 0.80 -9.29
C PHE C 47 -24.61 2.29 -9.25
N ILE C 48 -25.88 2.59 -9.42
CA ILE C 48 -26.31 4.00 -9.50
C ILE C 48 -26.03 4.71 -8.19
N VAL C 49 -26.48 4.13 -7.07
CA VAL C 49 -26.35 4.85 -5.82
C VAL C 49 -24.91 4.95 -5.36
N GLN C 50 -24.04 3.99 -5.73
CA GLN C 50 -22.62 4.15 -5.46
C GLN C 50 -22.11 5.47 -6.00
N HIS C 51 -22.66 5.90 -7.11
CA HIS C 51 -22.17 7.11 -7.77
C HIS C 51 -22.94 8.38 -7.41
N THR C 52 -24.18 8.25 -6.95
CA THR C 52 -25.06 9.42 -6.74
C THR C 52 -25.12 9.88 -5.29
N ASN C 53 -24.78 8.98 -4.36
CA ASN C 53 -24.85 9.30 -2.96
C ASN C 53 -24.00 10.55 -2.70
N PRO C 54 -24.46 11.48 -1.85
CA PRO C 54 -25.69 11.49 -1.07
C PRO C 54 -26.75 12.48 -1.57
N PHE C 55 -26.90 12.68 -2.88
CA PHE C 55 -27.89 13.62 -3.41
C PHE C 55 -29.10 12.90 -3.96
N ASN C 56 -30.29 13.49 -3.72
CA ASN C 56 -31.47 13.00 -4.41
C ASN C 56 -31.21 13.09 -5.91
N THR C 57 -31.47 12.00 -6.63
CA THR C 57 -31.13 11.98 -8.05
C THR C 57 -32.30 11.44 -8.84
N TRP C 58 -32.67 12.18 -9.88
CA TRP C 58 -33.80 11.81 -10.70
C TRP C 58 -33.53 10.54 -11.46
N ILE C 59 -34.54 9.70 -11.57
CA ILE C 59 -34.51 8.56 -12.47
C ILE C 59 -35.75 8.61 -13.37
N GLY C 60 -35.77 7.74 -14.39
CA GLY C 60 -36.78 7.87 -15.42
C GLY C 60 -38.12 7.24 -15.09
N LEU C 61 -38.67 7.59 -13.94
CA LEU C 61 -39.92 6.98 -13.51
C LEU C 61 -40.84 8.11 -13.08
N THR C 62 -42.08 8.10 -13.58
CA THR C 62 -42.98 9.19 -13.30
C THR C 62 -44.42 8.70 -13.39
N ASP C 63 -45.31 9.28 -12.57
CA ASP C 63 -46.73 9.00 -12.72
C ASP C 63 -47.50 10.23 -13.20
N SER C 64 -46.79 11.17 -13.83
CA SER C 64 -47.42 12.36 -14.38
C SER C 64 -48.63 12.07 -15.25
N ASP C 65 -48.60 11.01 -16.05
CA ASP C 65 -49.73 10.81 -16.93
C ASP C 65 -50.83 9.94 -16.29
N GLY C 66 -50.79 9.75 -14.98
CA GLY C 66 -51.84 9.04 -14.28
C GLY C 66 -51.42 7.70 -13.73
N SER C 67 -50.30 7.11 -14.20
CA SER C 67 -49.81 5.91 -13.51
C SER C 67 -48.30 5.79 -13.72
N TRP C 68 -47.65 4.92 -12.92
CA TRP C 68 -46.19 4.82 -12.95
C TRP C 68 -45.71 4.31 -14.31
N LYS C 69 -44.85 5.09 -14.98
CA LYS C 69 -44.29 4.68 -16.28
C LYS C 69 -42.80 4.97 -16.28
N TRP C 70 -42.01 4.00 -16.75
CA TRP C 70 -40.60 4.24 -17.05
C TRP C 70 -40.47 4.95 -18.40
N VAL C 71 -39.51 5.86 -18.51
CA VAL C 71 -39.46 6.67 -19.73
C VAL C 71 -39.12 5.85 -20.96
N ASP C 72 -38.58 4.62 -20.82
CA ASP C 72 -38.27 3.87 -22.04
C ASP C 72 -39.30 2.79 -22.35
N GLY C 73 -40.43 2.78 -21.66
CA GLY C 73 -41.45 1.79 -21.93
C GLY C 73 -41.30 0.52 -21.10
N THR C 74 -40.22 0.36 -20.36
CA THR C 74 -40.12 -0.77 -19.42
C THR C 74 -41.38 -0.86 -18.58
N ASP C 75 -41.96 -2.07 -18.50
CA ASP C 75 -43.13 -2.25 -17.67
C ASP C 75 -42.81 -1.93 -16.22
N TYR C 76 -43.63 -1.09 -15.61
CA TYR C 76 -43.35 -0.74 -14.21
C TYR C 76 -43.89 -1.80 -13.28
N ARG C 77 -45.15 -2.18 -13.47
CA ARG C 77 -45.86 -2.94 -12.42
C ARG C 77 -45.14 -4.23 -12.07
N HIS C 78 -44.64 -4.94 -13.08
CA HIS C 78 -44.10 -6.27 -12.88
C HIS C 78 -42.62 -6.28 -12.58
N ASN C 79 -41.93 -5.15 -12.72
CA ASN C 79 -40.47 -5.15 -12.70
C ASN C 79 -39.91 -4.57 -11.42
N TYR C 80 -38.59 -4.51 -11.40
CA TYR C 80 -37.80 -4.11 -10.25
C TYR C 80 -38.24 -2.73 -9.72
N LYS C 81 -38.37 -2.66 -8.39
CA LYS C 81 -38.72 -1.42 -7.70
C LYS C 81 -37.91 -1.35 -6.42
N ASN C 82 -37.61 -0.13 -5.96
CA ASN C 82 -36.83 0.00 -4.73
C ASN C 82 -37.42 1.09 -3.83
N TRP C 83 -38.74 1.18 -3.80
CA TRP C 83 -39.39 2.24 -3.01
C TRP C 83 -38.95 2.28 -1.57
N ALA C 84 -38.70 3.48 -1.04
CA ALA C 84 -38.57 3.61 0.40
C ALA C 84 -39.87 3.20 1.07
N VAL C 85 -39.79 2.83 2.34
CA VAL C 85 -41.03 2.47 3.03
C VAL C 85 -41.97 3.67 3.08
N THR C 86 -43.26 3.40 2.91
CA THR C 86 -44.36 4.33 2.79
C THR C 86 -44.31 5.15 1.49
N GLN C 87 -43.40 4.87 0.58
CA GLN C 87 -43.41 5.52 -0.74
C GLN C 87 -43.91 4.56 -1.81
N PRO C 88 -44.50 5.02 -2.91
CA PRO C 88 -44.78 6.42 -3.23
C PRO C 88 -46.04 6.87 -2.48
N ASP C 89 -46.06 8.14 -2.03
CA ASP C 89 -47.20 8.61 -1.25
C ASP C 89 -47.90 9.78 -1.91
N ASN C 90 -47.44 10.21 -3.08
CA ASN C 90 -48.14 11.23 -3.85
C ASN C 90 -48.42 12.47 -3.02
N TRP C 91 -47.39 12.99 -2.33
CA TRP C 91 -47.64 14.12 -1.45
C TRP C 91 -48.13 15.33 -2.25
N HIS C 92 -49.11 16.06 -1.73
CA HIS C 92 -49.66 17.20 -2.44
C HIS C 92 -48.91 18.48 -2.07
N GLY C 93 -48.67 19.30 -3.07
CA GLY C 93 -47.94 20.54 -2.86
C GLY C 93 -48.52 21.64 -3.72
N HIS C 94 -47.70 22.60 -4.08
CA HIS C 94 -48.17 23.67 -4.93
C HIS C 94 -47.02 24.26 -5.75
N GLU C 95 -46.02 24.81 -5.05
CA GLU C 95 -44.97 25.59 -5.69
C GLU C 95 -44.12 24.75 -6.64
N LEU C 96 -43.85 23.49 -6.29
CA LEU C 96 -43.00 22.63 -7.11
C LEU C 96 -43.79 21.55 -7.86
N GLY C 97 -45.11 21.70 -7.91
CA GLY C 97 -46.00 20.76 -8.56
C GLY C 97 -47.19 20.51 -7.65
N GLY C 98 -48.28 20.05 -8.25
CA GLY C 98 -49.46 19.76 -7.47
C GLY C 98 -49.29 18.52 -6.60
N SER C 99 -48.54 17.55 -7.08
CA SER C 99 -48.38 16.30 -6.36
C SER C 99 -47.04 15.69 -6.75
N GLU C 100 -46.54 14.84 -5.88
CA GLU C 100 -45.25 14.21 -6.15
C GLU C 100 -45.40 13.19 -7.26
N ASP C 101 -44.76 13.42 -8.39
CA ASP C 101 -45.01 12.61 -9.56
C ASP C 101 -43.74 12.08 -10.22
N CYS C 102 -42.56 12.40 -9.70
CA CYS C 102 -41.31 11.99 -10.32
C CYS C 102 -40.45 11.32 -9.28
N VAL C 103 -39.66 10.34 -9.69
CA VAL C 103 -38.93 9.52 -8.72
C VAL C 103 -37.47 9.93 -8.64
N GLU C 104 -37.00 10.08 -7.42
CA GLU C 104 -35.60 10.30 -7.13
CA GLU C 104 -35.59 10.29 -7.17
C GLU C 104 -35.06 9.11 -6.36
N VAL C 105 -33.77 8.87 -6.50
CA VAL C 105 -33.04 7.94 -5.64
C VAL C 105 -32.51 8.73 -4.46
N GLN C 106 -32.83 8.30 -3.24
CA GLN C 106 -32.35 8.89 -2.01
C GLN C 106 -30.90 8.48 -1.74
N PRO C 107 -30.23 9.10 -0.78
CA PRO C 107 -28.87 8.68 -0.46
C PRO C 107 -28.76 7.21 -0.14
N ASP C 108 -29.77 6.62 0.47
CA ASP C 108 -29.72 5.20 0.81
C ASP C 108 -30.14 4.35 -0.36
N GLY C 109 -30.33 4.96 -1.51
CA GLY C 109 -30.72 4.24 -2.71
C GLY C 109 -32.20 4.03 -2.87
N ARG C 110 -32.99 4.10 -1.78
CA ARG C 110 -34.42 3.86 -1.88
C ARG C 110 -35.10 4.99 -2.67
N TRP C 111 -36.17 4.64 -3.37
CA TRP C 111 -36.89 5.54 -4.25
C TRP C 111 -37.94 6.33 -3.49
N ASN C 112 -38.12 7.58 -3.90
CA ASN C 112 -39.17 8.44 -3.33
C ASN C 112 -39.76 9.23 -4.47
N ASP C 113 -41.08 9.28 -4.52
CA ASP C 113 -41.72 10.23 -5.43
C ASP C 113 -41.61 11.63 -4.85
N ASP C 114 -41.29 12.61 -5.74
CA ASP C 114 -41.01 13.94 -5.30
C ASP C 114 -41.67 14.89 -6.31
N PHE C 115 -41.62 16.17 -6.03
CA PHE C 115 -42.26 17.13 -6.94
C PHE C 115 -41.38 17.31 -8.19
N CYS C 116 -42.04 17.39 -9.35
CA CYS C 116 -41.27 17.34 -10.60
C CYS C 116 -40.46 18.60 -10.83
N LEU C 117 -40.76 19.67 -10.14
CA LEU C 117 -39.98 20.90 -10.25
C LEU C 117 -38.80 20.97 -9.30
N GLN C 118 -38.61 19.98 -8.41
CA GLN C 118 -37.36 19.95 -7.65
C GLN C 118 -36.20 19.94 -8.63
N VAL C 119 -35.16 20.70 -8.30
CA VAL C 119 -33.94 20.81 -9.10
C VAL C 119 -32.93 19.83 -8.50
N TYR C 120 -32.86 18.64 -9.07
CA TYR C 120 -31.99 17.59 -8.60
C TYR C 120 -31.01 17.18 -9.69
N ARG C 121 -29.90 16.57 -9.23
CA ARG C 121 -29.03 15.82 -10.13
C ARG C 121 -29.80 14.72 -10.82
N TRP C 122 -29.27 14.25 -11.94
CA TRP C 122 -29.90 13.19 -12.71
C TRP C 122 -28.81 12.32 -13.31
N VAL C 123 -29.24 11.19 -13.89
CA VAL C 123 -28.34 10.27 -14.61
C VAL C 123 -29.02 9.94 -15.91
N CYS C 124 -28.32 10.14 -17.04
CA CYS C 124 -28.77 9.63 -18.33
C CYS C 124 -28.29 8.20 -18.50
N GLU C 125 -29.06 7.41 -19.25
CA GLU C 125 -28.65 6.05 -19.60
C GLU C 125 -29.02 5.77 -21.04
N LYS C 126 -28.08 5.19 -21.79
CA LYS C 126 -28.36 4.63 -23.10
C LYS C 126 -27.53 3.36 -23.29
N ARG C 127 -27.94 2.54 -24.26
CA ARG C 127 -27.20 1.32 -24.58
C ARG C 127 -25.90 1.67 -25.29
N ARG C 128 -24.85 0.91 -24.98
CA ARG C 128 -23.51 1.15 -25.54
C ARG C 128 -23.43 1.13 -27.07
#